data_4F24
#
_entry.id   4F24
#
_cell.length_a   94.423
_cell.length_b   94.423
_cell.length_c   86.717
_cell.angle_alpha   90.00
_cell.angle_beta   90.00
_cell.angle_gamma   90.00
#
_symmetry.space_group_name_H-M   'P 43 21 2'
#
loop_
_entity.id
_entity.type
_entity.pdbx_description
1 polymer 'Clumping factor B'
2 non-polymer 'MAGNESIUM ION'
#
_entity_poly.entity_id   1
_entity_poly.type   'polypeptide(L)'
_entity_poly.pdbx_seq_one_letter_code
;MRGSHHHHHHENLYFQGSLAVAEPVVNAADAKGTNVNDKVTASDFKLEKTAFDPNQSGNTFMAANFKVTGQVKSGDYFTA
KLPDSVTGNGDVDYSNSNNTMPIADIKSTNGDVVAKATYDILTKTYTFVFTDYVNDKENINGQFSLPLFTDRAKAPKSGT
YDANINIADEMFDNKITYNYSSPIAGIDKPNGANISSQIIGVDTASGQNTYKQTVFVNPKQRVLGNTWVYIKGYQDKIEE
SSGKVSATDTKLRIFEVNDTSKLSDSYYADPNDSNLKEVTGEFKDKISYKYDNVASINFGDINKTYVVLVEGHYDNTGKN
LKTQVIQENIDPATGKDYSIFGWNNENVVRYGGGSADGDSAVN
;
_entity_poly.pdbx_strand_id   A
#
loop_
_chem_comp.id
_chem_comp.type
_chem_comp.name
_chem_comp.formula
MG non-polymer 'MAGNESIUM ION' 'Mg 2'
#
# COMPACT_ATOMS: atom_id res chain seq x y z
N ALA A 22 27.30 3.58 -24.47
CA ALA A 22 25.86 3.40 -24.61
C ALA A 22 25.31 2.51 -23.51
N GLU A 23 25.81 1.27 -23.45
CA GLU A 23 25.36 0.34 -22.42
C GLU A 23 26.51 -0.11 -21.53
N PRO A 24 26.33 0.03 -20.23
CA PRO A 24 27.34 -0.38 -19.25
C PRO A 24 26.71 -1.17 -18.12
N VAL A 25 27.46 -2.12 -17.57
CA VAL A 25 26.97 -2.92 -16.45
C VAL A 25 26.81 -2.05 -15.21
N VAL A 26 25.75 -2.31 -14.44
CA VAL A 26 25.50 -1.56 -13.23
C VAL A 26 25.13 -2.49 -12.08
N ASN A 27 25.50 -2.12 -10.86
CA ASN A 27 25.14 -2.92 -9.70
C ASN A 27 24.55 -2.08 -8.57
N ALA A 28 23.34 -1.57 -8.78
CA ALA A 28 22.64 -0.79 -7.77
C ALA A 28 21.81 0.30 -8.43
N ALA A 29 21.14 1.11 -7.61
CA ALA A 29 20.38 2.24 -8.13
C ALA A 29 20.67 3.50 -7.33
N ASP A 30 21.91 3.98 -7.39
CA ASP A 30 22.30 5.20 -6.70
C ASP A 30 23.59 5.82 -7.24
N ALA A 31 23.81 7.08 -6.91
CA ALA A 31 25.04 7.78 -7.29
C ALA A 31 25.81 8.15 -6.04
N LYS A 32 27.10 7.80 -5.99
CA LYS A 32 27.91 8.08 -4.82
C LYS A 32 29.31 7.46 -4.92
N GLY A 33 30.06 7.53 -3.82
CA GLY A 33 31.40 6.98 -3.77
C GLY A 33 31.44 5.47 -3.88
N THR A 34 31.94 4.81 -2.84
CA THR A 34 32.08 3.35 -2.85
C THR A 34 31.31 2.68 -1.73
N ASN A 35 30.64 1.58 -2.05
CA ASN A 35 29.89 0.82 -1.06
C ASN A 35 30.83 0.24 -0.02
N VAL A 36 30.41 0.26 1.24
CA VAL A 36 31.28 -0.22 2.32
C VAL A 36 30.59 -1.23 3.24
N ASN A 37 29.81 -2.13 2.65
CA ASN A 37 29.17 -3.18 3.45
C ASN A 37 30.21 -3.97 4.24
N ASP A 38 31.39 -4.14 3.65
CA ASP A 38 32.45 -4.93 4.25
C ASP A 38 32.97 -4.29 5.54
N LYS A 39 32.68 -3.01 5.72
CA LYS A 39 33.18 -2.27 6.88
C LYS A 39 32.08 -2.09 7.91
N VAL A 40 30.85 -2.27 7.45
CA VAL A 40 29.72 -2.14 8.35
C VAL A 40 29.18 -3.49 8.76
N THR A 41 29.05 -3.66 10.07
CA THR A 41 28.48 -4.85 10.66
C THR A 41 27.22 -4.44 11.42
N ALA A 42 26.12 -5.13 11.12
CA ALA A 42 24.86 -4.92 11.84
C ALA A 42 24.74 -5.89 13.04
N SER A 43 23.93 -5.52 14.03
CA SER A 43 23.76 -6.33 15.22
C SER A 43 22.46 -6.05 16.00
N ASP A 44 22.08 -7.02 16.82
CA ASP A 44 20.86 -6.91 17.63
C ASP A 44 19.67 -6.52 16.77
N PHE A 45 19.49 -7.27 15.69
CA PHE A 45 18.40 -7.07 14.77
C PHE A 45 17.07 -7.49 15.38
N LYS A 46 16.07 -6.61 15.35
CA LYS A 46 14.78 -6.92 15.95
C LYS A 46 13.54 -6.33 15.27
N LEU A 47 12.56 -7.20 15.01
CA LEU A 47 11.24 -6.77 14.55
C LEU A 47 10.39 -6.38 15.74
N GLU A 48 9.74 -5.24 15.64
CA GLU A 48 8.81 -4.83 16.67
C GLU A 48 7.76 -5.93 16.91
N LYS A 49 7.38 -6.64 15.84
CA LYS A 49 6.48 -7.79 15.94
C LYS A 49 6.45 -8.70 14.70
N THR A 50 5.93 -9.91 14.85
CA THR A 50 5.93 -10.86 13.75
C THR A 50 4.53 -11.19 13.23
N ALA A 51 3.54 -10.40 13.66
CA ALA A 51 2.17 -10.62 13.23
C ALA A 51 1.34 -9.35 13.31
N PHE A 52 0.58 -9.07 12.26
CA PHE A 52 -0.28 -7.89 12.21
C PHE A 52 -1.25 -7.98 11.06
N ASP A 53 -2.24 -7.09 11.06
CA ASP A 53 -3.26 -7.05 10.01
C ASP A 53 -3.05 -5.85 9.10
N PRO A 54 -2.41 -6.07 7.97
CA PRO A 54 -2.15 -5.00 7.00
C PRO A 54 -3.43 -4.27 6.60
N ASN A 55 -4.53 -5.00 6.55
CA ASN A 55 -5.81 -4.43 6.16
C ASN A 55 -6.38 -3.50 7.22
N GLN A 56 -5.68 -3.39 8.34
CA GLN A 56 -6.09 -2.49 9.41
C GLN A 56 -4.98 -1.49 9.70
N SER A 57 -4.22 -1.14 8.67
CA SER A 57 -3.11 -0.22 8.82
C SER A 57 -2.08 -0.80 9.78
N GLY A 58 -1.95 -2.12 9.77
CA GLY A 58 -1.01 -2.81 10.62
C GLY A 58 0.36 -2.90 9.98
N ASN A 59 1.39 -2.70 10.78
CA ASN A 59 2.77 -2.78 10.29
C ASN A 59 3.76 -3.07 11.40
N THR A 60 5.04 -3.04 11.07
CA THR A 60 6.10 -3.26 12.04
C THR A 60 7.25 -2.32 11.81
N PHE A 61 8.27 -2.43 12.64
CA PHE A 61 9.50 -1.68 12.46
C PHE A 61 10.59 -2.72 12.57
N MET A 62 11.71 -2.47 11.90
CA MET A 62 12.91 -3.24 12.14
C MET A 62 13.93 -2.27 12.73
N ALA A 63 14.82 -2.77 13.58
CA ALA A 63 15.79 -1.90 14.24
C ALA A 63 17.07 -2.68 14.45
N ALA A 64 18.19 -2.00 14.24
CA ALA A 64 19.45 -2.66 14.49
C ALA A 64 20.54 -1.67 14.88
N ASN A 65 21.49 -2.18 15.67
CA ASN A 65 22.76 -1.52 15.91
C ASN A 65 23.68 -1.75 14.71
N PHE A 66 24.56 -0.77 14.45
CA PHE A 66 25.54 -0.90 13.37
C PHE A 66 26.82 -0.14 13.68
N LYS A 67 27.94 -0.70 13.23
CA LYS A 67 29.25 -0.10 13.47
C LYS A 67 30.14 -0.13 12.23
N VAL A 68 30.97 0.90 12.12
CA VAL A 68 31.91 0.98 11.03
C VAL A 68 33.29 0.69 11.56
N THR A 69 33.88 -0.38 11.09
CA THR A 69 35.25 -0.67 11.46
C THR A 69 36.21 0.10 10.55
N GLY A 70 37.06 0.90 11.17
CA GLY A 70 37.99 1.73 10.44
C GLY A 70 37.39 3.06 10.04
N GLN A 71 37.78 3.55 8.86
CA GLN A 71 37.37 4.86 8.39
C GLN A 71 36.63 4.78 7.05
N VAL A 72 35.67 5.68 6.89
CA VAL A 72 35.01 5.89 5.61
C VAL A 72 35.00 7.38 5.27
N LYS A 73 34.48 7.75 4.10
CA LYS A 73 34.40 9.15 3.74
C LYS A 73 33.06 9.61 3.22
N SER A 74 32.93 10.91 2.99
CA SER A 74 31.67 11.46 2.50
C SER A 74 31.35 10.87 1.14
N GLY A 75 30.25 10.13 1.05
CA GLY A 75 29.79 9.62 -0.23
C GLY A 75 29.88 8.12 -0.37
N ASP A 76 30.67 7.49 0.52
CA ASP A 76 30.63 6.04 0.69
C ASP A 76 29.23 5.63 1.20
N TYR A 77 28.83 4.39 1.01
CA TYR A 77 27.51 3.99 1.47
C TYR A 77 27.40 2.52 1.81
N PHE A 78 26.34 2.18 2.53
CA PHE A 78 26.05 0.79 2.79
C PHE A 78 24.56 0.60 2.58
N THR A 79 24.10 -0.65 2.57
CA THR A 79 22.76 -0.93 2.08
C THR A 79 21.97 -1.96 2.89
N ALA A 80 20.66 -1.97 2.73
CA ALA A 80 19.84 -3.04 3.30
C ALA A 80 18.81 -3.48 2.28
N LYS A 81 18.55 -4.78 2.25
CA LYS A 81 17.64 -5.36 1.27
C LYS A 81 16.46 -6.10 1.89
N LEU A 82 15.29 -5.80 1.34
CA LEU A 82 14.05 -6.45 1.73
C LEU A 82 13.72 -7.69 0.88
N PRO A 83 13.11 -8.69 1.51
CA PRO A 83 12.65 -9.84 0.73
C PRO A 83 11.27 -9.60 0.12
N ASP A 84 10.86 -10.52 -0.74
CA ASP A 84 9.53 -10.51 -1.35
C ASP A 84 8.37 -10.19 -0.40
N SER A 85 8.47 -10.63 0.85
CA SER A 85 7.34 -10.57 1.79
C SER A 85 6.97 -9.17 2.28
N VAL A 86 7.89 -8.23 2.14
CA VAL A 86 7.72 -6.90 2.75
C VAL A 86 8.02 -5.76 1.80
N THR A 87 7.54 -4.57 2.16
CA THR A 87 7.96 -3.33 1.51
C THR A 87 8.37 -2.30 2.54
N GLY A 88 9.27 -1.41 2.12
CA GLY A 88 9.67 -0.29 2.95
C GLY A 88 8.67 0.86 2.92
N ASN A 89 7.70 0.79 1.99
CA ASN A 89 6.82 1.94 1.77
C ASN A 89 5.33 1.66 2.03
N GLY A 90 4.95 0.38 2.06
CA GLY A 90 3.57 0.01 2.31
C GLY A 90 2.61 0.62 1.30
N ASP A 91 1.61 1.35 1.80
CA ASP A 91 0.55 1.91 0.98
C ASP A 91 0.88 3.29 0.43
N VAL A 92 2.10 3.75 0.66
CA VAL A 92 2.50 5.04 0.12
C VAL A 92 3.22 4.85 -1.20
N ASP A 93 2.73 5.56 -2.21
CA ASP A 93 3.12 5.42 -3.60
C ASP A 93 4.13 6.50 -3.97
N TYR A 94 5.17 6.12 -4.70
CA TYR A 94 6.18 7.09 -5.16
C TYR A 94 6.44 6.97 -6.65
N SER A 95 5.50 6.37 -7.36
CA SER A 95 5.54 6.30 -8.82
C SER A 95 5.89 7.66 -9.39
N ASN A 96 5.22 8.67 -8.86
CA ASN A 96 5.39 10.02 -9.37
C ASN A 96 6.62 10.71 -8.79
N SER A 97 7.44 9.95 -8.06
CA SER A 97 8.71 10.44 -7.53
C SER A 97 9.88 9.49 -7.80
N ASN A 98 9.92 8.94 -9.02
CA ASN A 98 11.00 8.04 -9.45
C ASN A 98 11.08 6.77 -8.65
N ASN A 99 9.94 6.35 -8.10
CA ASN A 99 9.88 5.17 -7.25
C ASN A 99 10.95 5.20 -6.15
N THR A 100 11.18 6.41 -5.64
CA THR A 100 12.19 6.64 -4.63
C THR A 100 11.52 7.29 -3.44
N MET A 101 11.75 6.72 -2.26
CA MET A 101 11.10 7.19 -1.06
C MET A 101 12.15 7.70 -0.09
N PRO A 102 12.15 9.02 0.17
CA PRO A 102 13.09 9.61 1.14
C PRO A 102 12.90 9.02 2.53
N ILE A 103 14.01 8.75 3.17
CA ILE A 103 13.99 8.31 4.56
C ILE A 103 14.65 9.36 5.46
N ALA A 104 14.22 9.39 6.72
CA ALA A 104 14.84 10.20 7.75
C ALA A 104 16.33 9.91 7.82
N ASP A 105 17.10 10.86 8.34
CA ASP A 105 18.52 10.69 8.34
C ASP A 105 19.04 10.11 9.67
N ILE A 106 20.23 9.55 9.63
CA ILE A 106 20.92 9.18 10.84
C ILE A 106 21.64 10.43 11.30
N LYS A 107 21.36 10.84 12.53
CA LYS A 107 21.96 12.06 13.06
C LYS A 107 22.85 11.76 14.26
N SER A 108 23.69 12.73 14.61
CA SER A 108 24.56 12.63 15.76
C SER A 108 23.90 13.31 16.96
N THR A 109 24.43 13.08 18.16
CA THR A 109 23.90 13.68 19.36
C THR A 109 23.76 15.18 19.19
N ASN A 110 24.80 15.79 18.62
CA ASN A 110 24.85 17.23 18.38
C ASN A 110 23.81 17.68 17.36
N GLY A 111 23.30 16.74 16.58
CA GLY A 111 22.22 17.03 15.65
C GLY A 111 22.62 16.93 14.19
N ASP A 112 23.93 16.83 13.96
CA ASP A 112 24.48 16.77 12.61
C ASP A 112 24.17 15.44 11.90
N VAL A 113 23.65 15.54 10.67
CA VAL A 113 23.38 14.35 9.85
C VAL A 113 24.62 13.57 9.48
N VAL A 114 24.62 12.31 9.86
CA VAL A 114 25.77 11.46 9.60
C VAL A 114 25.58 10.69 8.30
N ALA A 115 24.32 10.39 7.96
CA ALA A 115 24.03 9.70 6.71
C ALA A 115 22.68 10.10 6.16
N LYS A 116 22.58 10.11 4.84
CA LYS A 116 21.31 10.39 4.15
C LYS A 116 20.74 9.07 3.68
N ALA A 117 19.44 8.90 3.88
CA ALA A 117 18.79 7.63 3.62
C ALA A 117 17.74 7.73 2.53
N THR A 118 17.66 6.69 1.74
CA THR A 118 16.70 6.62 0.65
C THR A 118 16.32 5.16 0.43
N TYR A 119 15.11 4.95 -0.06
CA TYR A 119 14.65 3.60 -0.31
C TYR A 119 14.20 3.49 -1.75
N ASP A 120 14.81 2.56 -2.48
CA ASP A 120 14.35 2.27 -3.82
C ASP A 120 13.20 1.31 -3.70
N ILE A 121 12.04 1.72 -4.18
CA ILE A 121 10.85 0.88 -4.09
C ILE A 121 10.97 -0.38 -4.93
N LEU A 122 11.65 -0.27 -6.05
CA LEU A 122 11.66 -1.37 -6.99
C LEU A 122 12.49 -2.48 -6.40
N THR A 123 13.56 -2.05 -5.77
CA THR A 123 14.66 -2.91 -5.48
C THR A 123 14.61 -3.27 -4.01
N LYS A 124 13.70 -2.62 -3.29
CA LYS A 124 13.46 -2.87 -1.90
C LYS A 124 14.79 -2.77 -1.18
N THR A 125 15.52 -1.72 -1.52
CA THR A 125 16.85 -1.48 -1.01
C THR A 125 17.00 -0.11 -0.39
N TYR A 126 17.46 -0.08 0.85
CA TYR A 126 17.80 1.19 1.46
C TYR A 126 19.21 1.55 1.10
N THR A 127 19.46 2.83 0.94
CA THR A 127 20.83 3.26 0.80
C THR A 127 21.08 4.36 1.77
N PHE A 128 22.20 4.25 2.46
CA PHE A 128 22.66 5.28 3.41
C PHE A 128 23.96 5.85 2.88
N VAL A 129 23.95 7.13 2.57
CA VAL A 129 25.15 7.77 2.09
C VAL A 129 25.75 8.61 3.19
N PHE A 130 27.06 8.57 3.32
CA PHE A 130 27.72 9.35 4.34
C PHE A 130 27.90 10.79 3.94
N THR A 131 27.86 11.65 4.94
CA THR A 131 27.95 13.08 4.76
C THR A 131 29.36 13.43 5.10
N ASP A 132 29.73 14.69 4.98
CA ASP A 132 31.11 15.08 5.25
C ASP A 132 31.43 14.84 6.73
N TYR A 133 30.41 14.49 7.50
CA TYR A 133 30.57 14.21 8.93
C TYR A 133 31.69 13.22 9.21
N VAL A 134 31.80 12.20 8.36
CA VAL A 134 32.57 10.99 8.66
C VAL A 134 34.08 11.13 8.49
N ASN A 135 34.48 12.17 7.75
CA ASN A 135 35.88 12.36 7.39
C ASN A 135 36.81 12.40 8.58
N ASP A 136 36.57 13.36 9.49
CA ASP A 136 37.43 13.58 10.65
C ASP A 136 37.08 12.71 11.88
N LYS A 137 36.46 11.57 11.64
CA LYS A 137 36.04 10.70 12.73
C LYS A 137 36.33 9.24 12.41
N GLU A 138 36.37 8.41 13.44
CA GLU A 138 36.62 6.99 13.24
C GLU A 138 35.83 6.12 14.22
N ASN A 139 35.43 4.95 13.73
CA ASN A 139 34.72 3.95 14.53
C ASN A 139 33.37 4.44 15.00
N ILE A 140 32.63 4.93 14.03
CA ILE A 140 31.25 5.32 14.18
C ILE A 140 30.42 4.10 14.56
N ASN A 141 29.54 4.29 15.54
CA ASN A 141 28.58 3.28 15.88
C ASN A 141 27.24 3.97 16.00
N GLY A 142 26.18 3.24 15.71
CA GLY A 142 24.85 3.78 15.84
C GLY A 142 23.80 2.72 15.63
N GLN A 143 22.55 3.16 15.60
CA GLN A 143 21.44 2.25 15.40
C GLN A 143 20.38 2.97 14.61
N PHE A 144 19.44 2.23 14.05
CA PHE A 144 18.34 2.85 13.34
C PHE A 144 17.14 1.92 13.32
N SER A 145 16.00 2.52 13.02
CA SER A 145 14.80 1.74 12.87
C SER A 145 14.16 2.14 11.57
N LEU A 146 13.45 1.21 10.96
CA LEU A 146 12.66 1.50 9.77
C LEU A 146 11.33 0.79 9.86
N PRO A 147 10.26 1.45 9.40
CA PRO A 147 8.96 0.78 9.30
C PRO A 147 8.94 -0.30 8.21
N LEU A 148 8.16 -1.36 8.45
CA LEU A 148 8.06 -2.44 7.47
C LEU A 148 6.60 -2.82 7.24
N PHE A 149 6.24 -3.05 5.98
CA PHE A 149 4.84 -3.30 5.67
C PHE A 149 4.77 -4.49 4.76
N THR A 150 3.57 -5.00 4.56
CA THR A 150 3.45 -6.18 3.73
C THR A 150 3.70 -5.78 2.28
N ASP A 151 4.00 -6.77 1.46
CA ASP A 151 3.94 -6.62 0.04
C ASP A 151 2.59 -7.23 -0.33
N ARG A 152 1.58 -6.39 -0.54
CA ARG A 152 0.24 -6.88 -0.87
C ARG A 152 0.29 -7.79 -2.07
N ALA A 153 1.30 -7.60 -2.93
CA ALA A 153 1.35 -8.32 -4.20
C ALA A 153 2.03 -9.65 -4.06
N LYS A 154 3.04 -9.70 -3.20
CA LYS A 154 3.83 -10.92 -3.12
C LYS A 154 3.44 -11.73 -1.88
N ALA A 155 2.61 -11.14 -1.04
CA ALA A 155 2.08 -11.80 0.16
C ALA A 155 0.55 -11.63 0.19
N PRO A 156 -0.11 -12.03 -0.90
CA PRO A 156 -1.52 -11.75 -1.20
C PRO A 156 -2.47 -12.39 -0.22
N LYS A 157 -2.09 -13.54 0.32
CA LYS A 157 -2.96 -14.34 1.17
C LYS A 157 -2.51 -14.33 2.61
N SER A 158 -3.47 -14.41 3.53
CA SER A 158 -3.18 -14.46 4.96
C SER A 158 -2.35 -15.70 5.27
N GLY A 159 -1.24 -15.49 5.98
CA GLY A 159 -0.36 -16.61 6.29
C GLY A 159 1.03 -16.15 6.70
N THR A 160 1.93 -17.12 6.87
CA THR A 160 3.27 -16.93 7.39
C THR A 160 4.28 -16.97 6.25
N TYR A 161 5.06 -15.91 6.13
CA TYR A 161 6.06 -15.80 5.06
C TYR A 161 7.47 -15.78 5.62
N ASP A 162 8.43 -16.22 4.81
CA ASP A 162 9.84 -16.02 5.15
C ASP A 162 10.12 -14.53 5.02
N ALA A 163 10.73 -13.95 6.04
CA ALA A 163 11.00 -12.51 6.05
C ALA A 163 12.47 -12.21 6.35
N ASN A 164 13.36 -12.96 5.73
CA ASN A 164 14.79 -12.78 5.96
C ASN A 164 15.31 -11.47 5.40
N ILE A 165 15.74 -10.58 6.29
CA ILE A 165 16.23 -9.28 5.89
C ILE A 165 17.75 -9.22 5.88
N ASN A 166 18.31 -8.48 4.93
CA ASN A 166 19.75 -8.35 4.80
C ASN A 166 20.23 -6.94 5.07
N ILE A 167 21.36 -6.83 5.76
CA ILE A 167 21.96 -5.54 6.07
C ILE A 167 23.47 -5.62 5.97
N ALA A 168 24.07 -4.64 5.29
CA ALA A 168 25.50 -4.62 5.10
C ALA A 168 26.01 -6.00 4.70
N ASP A 169 25.23 -6.69 3.88
CA ASP A 169 25.59 -8.02 3.38
C ASP A 169 25.45 -9.09 4.47
N GLU A 170 24.60 -8.84 5.45
CA GLU A 170 24.37 -9.80 6.52
C GLU A 170 22.89 -10.15 6.59
N MET A 171 22.59 -11.43 6.38
CA MET A 171 21.21 -11.91 6.39
C MET A 171 20.71 -12.14 7.81
N PHE A 172 19.59 -11.49 8.14
CA PHE A 172 18.96 -11.68 9.44
C PHE A 172 17.63 -12.39 9.28
N ASP A 173 17.67 -13.71 9.26
CA ASP A 173 16.48 -14.53 9.04
C ASP A 173 15.31 -14.12 9.92
N ASN A 174 14.12 -14.08 9.34
CA ASN A 174 12.91 -13.70 10.05
C ASN A 174 11.68 -14.33 9.44
N LYS A 175 10.57 -14.28 10.18
CA LYS A 175 9.30 -14.80 9.70
C LYS A 175 8.17 -13.86 10.08
N ILE A 176 7.35 -13.46 9.11
CA ILE A 176 6.24 -12.58 9.40
C ILE A 176 4.93 -13.29 9.11
N THR A 177 3.93 -12.99 9.93
CA THR A 177 2.61 -13.53 9.72
C THR A 177 1.58 -12.43 9.42
N TYR A 178 1.00 -12.49 8.23
CA TYR A 178 -0.02 -11.53 7.87
C TYR A 178 -1.39 -12.13 8.09
N ASN A 179 -2.08 -11.59 9.09
CA ASN A 179 -3.49 -11.89 9.29
C ASN A 179 -4.38 -10.80 8.68
N TYR A 180 -4.51 -10.80 7.36
CA TYR A 180 -5.39 -9.83 6.68
C TYR A 180 -6.84 -10.04 7.11
N SER A 181 -7.47 -8.97 7.58
CA SER A 181 -8.91 -9.01 7.78
C SER A 181 -9.53 -9.49 6.49
N SER A 182 -10.29 -10.58 6.58
CA SER A 182 -10.91 -11.13 5.39
C SER A 182 -11.74 -10.11 4.63
N PRO A 183 -11.39 -9.91 3.37
CA PRO A 183 -12.20 -9.08 2.48
C PRO A 183 -13.54 -9.73 2.11
N ILE A 184 -13.81 -10.97 2.54
CA ILE A 184 -15.12 -11.58 2.34
C ILE A 184 -16.06 -11.27 3.52
N ALA A 185 -16.73 -10.13 3.44
CA ALA A 185 -17.60 -9.65 4.51
C ALA A 185 -18.96 -9.22 3.95
N GLY A 186 -20.02 -9.41 4.75
CA GLY A 186 -21.34 -8.98 4.35
C GLY A 186 -22.46 -9.44 5.26
N ILE A 187 -23.69 -9.10 4.85
CA ILE A 187 -24.87 -9.51 5.58
C ILE A 187 -25.00 -11.03 5.58
N ASP A 188 -25.12 -11.60 6.77
CA ASP A 188 -25.22 -13.04 6.91
C ASP A 188 -26.63 -13.54 6.52
N LYS A 189 -26.85 -13.69 5.22
CA LYS A 189 -28.07 -14.29 4.69
C LYS A 189 -27.81 -14.53 3.21
N PRO A 190 -28.49 -15.53 2.64
CA PRO A 190 -28.17 -15.96 1.27
C PRO A 190 -28.37 -14.83 0.28
N ASN A 191 -29.34 -13.98 0.59
CA ASN A 191 -29.65 -12.78 -0.19
C ASN A 191 -28.76 -11.61 0.21
N GLY A 192 -27.79 -11.88 1.08
CA GLY A 192 -27.11 -10.81 1.80
C GLY A 192 -26.29 -9.87 0.93
N ALA A 193 -26.43 -8.57 1.20
CA ALA A 193 -25.50 -7.58 0.67
C ALA A 193 -24.10 -7.82 1.27
N ASN A 194 -23.08 -7.78 0.40
CA ASN A 194 -21.70 -8.06 0.80
C ASN A 194 -20.67 -7.30 -0.04
N ILE A 195 -19.80 -6.55 0.63
CA ILE A 195 -18.82 -5.74 -0.10
C ILE A 195 -17.65 -5.35 0.79
N SER A 196 -16.52 -4.96 0.20
CA SER A 196 -15.38 -4.47 0.97
C SER A 196 -14.35 -3.80 0.07
N SER A 197 -13.46 -3.04 0.68
CA SER A 197 -12.46 -2.34 -0.10
C SER A 197 -11.21 -2.05 0.73
N GLN A 198 -10.13 -1.72 0.06
CA GLN A 198 -8.94 -1.26 0.74
C GLN A 198 -8.24 -0.30 -0.18
N ILE A 199 -7.89 0.86 0.34
CA ILE A 199 -6.98 1.78 -0.35
C ILE A 199 -5.56 1.27 -0.14
N ILE A 200 -4.98 0.73 -1.18
CA ILE A 200 -3.66 0.14 -1.08
C ILE A 200 -2.59 1.00 -1.73
N GLY A 201 -2.92 2.25 -2.04
CA GLY A 201 -1.96 3.08 -2.75
C GLY A 201 -2.30 4.54 -2.65
N VAL A 202 -1.36 5.33 -2.14
CA VAL A 202 -1.57 6.76 -1.97
C VAL A 202 -0.31 7.56 -2.25
N ASP A 203 -0.41 8.49 -3.20
CA ASP A 203 0.70 9.38 -3.52
C ASP A 203 0.60 10.66 -2.71
N THR A 204 1.56 10.88 -1.83
CA THR A 204 1.53 12.04 -0.95
C THR A 204 2.68 13.00 -1.21
N ALA A 205 3.62 12.58 -2.06
CA ALA A 205 4.80 13.40 -2.34
C ALA A 205 4.66 14.22 -3.62
N SER A 206 4.56 13.52 -4.74
CA SER A 206 4.46 14.18 -6.04
C SER A 206 3.61 15.44 -5.99
N GLY A 207 2.51 15.37 -5.24
CA GLY A 207 1.60 16.49 -5.15
C GLY A 207 0.40 16.29 -6.06
N GLN A 208 0.41 15.19 -6.80
CA GLN A 208 -0.67 14.87 -7.71
C GLN A 208 -1.91 14.45 -6.93
N ASN A 209 -1.71 13.93 -5.73
CA ASN A 209 -2.81 13.55 -4.84
C ASN A 209 -3.70 12.46 -5.43
N THR A 210 -3.09 11.33 -5.76
CA THR A 210 -3.83 10.20 -6.32
C THR A 210 -3.83 9.03 -5.35
N TYR A 211 -4.75 8.08 -5.55
CA TYR A 211 -4.79 6.91 -4.72
C TYR A 211 -5.36 5.76 -5.51
N LYS A 212 -5.13 4.57 -5.00
CA LYS A 212 -5.59 3.34 -5.62
C LYS A 212 -6.37 2.63 -4.57
N GLN A 213 -7.60 2.27 -4.92
CA GLN A 213 -8.47 1.56 -3.99
C GLN A 213 -9.03 0.34 -4.71
N THR A 214 -8.94 -0.80 -4.06
CA THR A 214 -9.53 -2.01 -4.59
C THR A 214 -10.86 -2.28 -3.89
N VAL A 215 -11.87 -2.58 -4.70
CA VAL A 215 -13.17 -2.89 -4.15
C VAL A 215 -13.58 -4.27 -4.64
N PHE A 216 -13.98 -5.10 -3.67
CA PHE A 216 -14.51 -6.41 -3.95
C PHE A 216 -16.02 -6.38 -3.84
N VAL A 217 -16.71 -6.51 -4.97
CA VAL A 217 -18.17 -6.59 -4.96
C VAL A 217 -18.69 -8.02 -4.91
N ASN A 218 -19.65 -8.25 -4.03
CA ASN A 218 -20.32 -9.56 -3.86
C ASN A 218 -19.31 -10.68 -3.79
N PRO A 219 -18.34 -10.54 -2.88
CA PRO A 219 -17.30 -11.57 -2.76
C PRO A 219 -17.83 -12.89 -2.24
N LYS A 220 -19.08 -12.94 -1.78
CA LYS A 220 -19.70 -14.22 -1.44
C LYS A 220 -20.13 -14.89 -2.73
N GLN A 221 -20.10 -14.16 -3.83
CA GLN A 221 -20.65 -14.64 -5.09
C GLN A 221 -22.11 -15.06 -4.90
N ARG A 222 -22.89 -14.26 -4.20
CA ARG A 222 -24.31 -14.48 -4.09
C ARG A 222 -25.04 -13.98 -5.35
N VAL A 223 -26.27 -14.44 -5.55
CA VAL A 223 -27.08 -13.90 -6.65
C VAL A 223 -27.98 -12.79 -6.12
N LEU A 224 -27.79 -11.59 -6.67
CA LEU A 224 -28.39 -10.40 -6.09
C LEU A 224 -29.06 -9.60 -7.19
N GLY A 225 -30.20 -8.98 -6.87
CA GLY A 225 -30.93 -8.25 -7.87
C GLY A 225 -30.89 -6.74 -7.71
N ASN A 226 -31.02 -6.07 -8.84
CA ASN A 226 -31.09 -4.62 -8.85
C ASN A 226 -29.99 -4.10 -7.94
N THR A 227 -28.84 -4.72 -8.04
CA THR A 227 -27.71 -4.41 -7.18
C THR A 227 -27.11 -3.04 -7.48
N TRP A 228 -26.96 -2.24 -6.43
CA TRP A 228 -26.37 -0.91 -6.57
C TRP A 228 -25.11 -0.83 -5.74
N VAL A 229 -24.09 -0.17 -6.27
CA VAL A 229 -22.90 0.06 -5.48
C VAL A 229 -22.52 1.51 -5.47
N TYR A 230 -22.21 2.01 -4.29
CA TYR A 230 -21.82 3.40 -4.09
C TYR A 230 -20.39 3.44 -3.55
N ILE A 231 -19.54 4.19 -4.23
CA ILE A 231 -18.21 4.43 -3.72
C ILE A 231 -18.15 5.89 -3.32
N LYS A 232 -18.04 6.09 -2.01
CA LYS A 232 -18.08 7.41 -1.43
C LYS A 232 -16.67 7.86 -1.10
N GLY A 233 -16.44 9.15 -1.28
CA GLY A 233 -15.14 9.73 -1.05
C GLY A 233 -15.15 10.39 0.30
N TYR A 234 -16.10 9.96 1.12
CA TYR A 234 -16.15 10.35 2.52
C TYR A 234 -16.97 9.28 3.21
N GLN A 235 -17.10 9.40 4.53
CA GLN A 235 -17.88 8.42 5.27
C GLN A 235 -19.12 9.05 5.87
N ASP A 236 -18.97 9.51 7.11
CA ASP A 236 -20.04 10.18 7.80
C ASP A 236 -20.29 11.59 7.24
N LYS A 237 -19.27 12.44 7.34
CA LYS A 237 -19.41 13.86 7.10
C LYS A 237 -18.49 14.24 5.96
N ILE A 238 -19.08 14.68 4.86
CA ILE A 238 -18.34 14.92 3.61
C ILE A 238 -17.21 15.96 3.76
N GLU A 239 -17.39 16.85 4.73
CA GLU A 239 -16.43 17.90 5.00
C GLU A 239 -15.19 17.32 5.64
N GLU A 240 -15.34 16.15 6.25
CA GLU A 240 -14.25 15.56 7.02
C GLU A 240 -13.34 14.67 6.18
N SER A 241 -13.53 14.68 4.86
CA SER A 241 -12.67 13.87 4.02
C SER A 241 -12.05 14.67 2.88
N SER A 242 -10.82 14.33 2.55
CA SER A 242 -10.12 14.98 1.46
C SER A 242 -10.44 14.28 0.15
N GLY A 243 -11.30 13.27 0.22
CA GLY A 243 -11.64 12.44 -0.94
C GLY A 243 -12.30 13.26 -2.02
N LYS A 244 -11.95 12.99 -3.27
CA LYS A 244 -12.55 13.69 -4.40
C LYS A 244 -13.02 12.70 -5.44
N VAL A 245 -14.28 12.29 -5.33
CA VAL A 245 -14.83 11.34 -6.29
C VAL A 245 -15.67 12.04 -7.35
N SER A 246 -15.22 11.97 -8.61
CA SER A 246 -16.02 12.51 -9.70
C SER A 246 -15.60 11.97 -11.07
N ALA A 247 -16.35 12.34 -12.11
CA ALA A 247 -16.05 11.93 -13.48
C ALA A 247 -14.65 12.40 -13.84
N THR A 248 -14.39 13.66 -13.48
CA THR A 248 -13.10 14.27 -13.64
C THR A 248 -11.99 13.68 -12.75
N ASP A 249 -12.32 13.31 -11.51
CA ASP A 249 -11.29 12.92 -10.54
C ASP A 249 -11.08 11.43 -10.41
N THR A 250 -12.00 10.66 -10.97
CA THR A 250 -12.01 9.23 -10.72
C THR A 250 -12.06 8.42 -12.01
N LYS A 251 -11.26 7.36 -12.04
CA LYS A 251 -11.34 6.36 -13.11
C LYS A 251 -11.62 4.97 -12.53
N LEU A 252 -12.57 4.27 -13.13
CA LEU A 252 -12.97 2.97 -12.64
C LEU A 252 -12.75 1.91 -13.70
N ARG A 253 -12.22 0.77 -13.25
CA ARG A 253 -12.08 -0.40 -14.09
C ARG A 253 -12.76 -1.56 -13.37
N ILE A 254 -13.51 -2.37 -14.12
CA ILE A 254 -14.33 -3.41 -13.52
C ILE A 254 -14.10 -4.77 -14.18
N PHE A 255 -13.98 -5.78 -13.33
CA PHE A 255 -13.66 -7.11 -13.77
C PHE A 255 -14.57 -8.11 -13.10
N GLU A 256 -15.07 -9.05 -13.90
CA GLU A 256 -15.69 -10.25 -13.36
C GLU A 256 -14.54 -11.08 -12.83
N VAL A 257 -14.81 -11.83 -11.76
CA VAL A 257 -13.82 -12.72 -11.18
C VAL A 257 -14.16 -14.17 -11.51
N ASN A 258 -13.28 -14.84 -12.23
CA ASN A 258 -13.48 -16.23 -12.58
C ASN A 258 -13.60 -17.10 -11.34
N ASP A 259 -12.49 -17.27 -10.62
CA ASP A 259 -12.46 -18.06 -9.40
C ASP A 259 -12.23 -17.17 -8.19
N THR A 260 -13.30 -16.80 -7.50
CA THR A 260 -13.22 -15.91 -6.36
C THR A 260 -12.29 -16.46 -5.27
N SER A 261 -11.90 -17.72 -5.41
CA SER A 261 -11.04 -18.35 -4.42
C SER A 261 -9.61 -17.85 -4.55
N LYS A 262 -9.29 -17.30 -5.72
CA LYS A 262 -7.94 -16.82 -5.98
C LYS A 262 -7.79 -15.32 -5.72
N LEU A 263 -8.78 -14.75 -5.05
CA LEU A 263 -8.73 -13.34 -4.67
C LEU A 263 -7.80 -13.17 -3.47
N SER A 264 -6.97 -12.14 -3.50
CA SER A 264 -6.00 -11.91 -2.44
C SER A 264 -6.64 -11.31 -1.19
N ASP A 265 -6.11 -11.69 -0.03
CA ASP A 265 -6.57 -11.15 1.24
C ASP A 265 -6.08 -9.71 1.36
N SER A 266 -5.02 -9.39 0.63
CA SER A 266 -4.38 -8.06 0.65
C SER A 266 -5.05 -7.01 -0.26
N TYR A 267 -6.13 -7.38 -0.94
CA TYR A 267 -6.77 -6.47 -1.89
C TYR A 267 -5.84 -6.03 -3.04
N TYR A 268 -4.70 -6.67 -3.17
CA TYR A 268 -3.92 -6.44 -4.37
C TYR A 268 -4.65 -7.14 -5.51
N ALA A 269 -4.91 -6.42 -6.58
CA ALA A 269 -5.44 -7.03 -7.79
C ALA A 269 -4.72 -6.50 -9.04
N ASP A 270 -4.23 -7.41 -9.86
CA ASP A 270 -3.57 -7.05 -11.11
C ASP A 270 -4.48 -7.23 -12.31
N PRO A 271 -4.76 -6.12 -13.00
CA PRO A 271 -5.68 -6.04 -14.14
C PRO A 271 -5.44 -7.14 -15.17
N ASN A 272 -4.19 -7.55 -15.30
CA ASN A 272 -3.81 -8.51 -16.33
C ASN A 272 -3.90 -9.93 -15.82
N ASP A 273 -4.32 -10.05 -14.57
CA ASP A 273 -4.60 -11.35 -14.02
C ASP A 273 -5.56 -12.10 -14.93
N SER A 274 -5.31 -13.38 -15.11
CA SER A 274 -6.17 -14.24 -15.92
C SER A 274 -7.48 -14.53 -15.20
N ASN A 275 -7.42 -14.46 -13.87
CA ASN A 275 -8.59 -14.67 -13.04
C ASN A 275 -9.62 -13.53 -13.14
N LEU A 276 -9.19 -12.38 -13.67
CA LEU A 276 -10.09 -11.27 -13.92
C LEU A 276 -10.51 -11.15 -15.38
N LYS A 277 -11.77 -10.84 -15.62
CA LYS A 277 -12.24 -10.48 -16.95
C LYS A 277 -12.76 -9.04 -16.93
N GLU A 278 -11.99 -8.12 -17.49
CA GLU A 278 -12.44 -6.74 -17.50
C GLU A 278 -13.80 -6.66 -18.19
N VAL A 279 -14.68 -5.83 -17.65
CA VAL A 279 -16.00 -5.67 -18.23
C VAL A 279 -16.37 -4.22 -18.18
N THR A 280 -15.41 -3.38 -17.83
CA THR A 280 -15.70 -1.99 -17.58
C THR A 280 -16.53 -1.39 -18.74
N GLY A 281 -16.31 -1.90 -19.95
CA GLY A 281 -17.09 -1.50 -21.08
C GLY A 281 -18.59 -1.68 -20.91
N GLU A 282 -19.00 -2.86 -20.45
CA GLU A 282 -20.42 -3.13 -20.26
C GLU A 282 -21.02 -2.12 -19.27
N PHE A 283 -20.19 -1.28 -18.69
CA PHE A 283 -20.66 -0.35 -17.68
C PHE A 283 -20.76 1.08 -18.16
N LYS A 284 -20.52 1.29 -19.45
CA LYS A 284 -20.44 2.62 -20.04
C LYS A 284 -21.49 3.60 -19.50
N ASP A 285 -22.77 3.23 -19.58
CA ASP A 285 -23.78 4.15 -19.09
C ASP A 285 -24.44 3.65 -17.80
N LYS A 286 -23.69 2.87 -17.02
CA LYS A 286 -24.18 2.38 -15.73
C LYS A 286 -23.49 3.03 -14.52
N ILE A 287 -22.58 3.97 -14.77
CA ILE A 287 -21.87 4.63 -13.69
C ILE A 287 -22.28 6.07 -13.58
N SER A 288 -22.73 6.47 -12.41
CA SER A 288 -23.25 7.81 -12.23
C SER A 288 -22.53 8.58 -11.11
N TYR A 289 -22.36 9.88 -11.32
CA TYR A 289 -21.76 10.75 -10.33
C TYR A 289 -22.77 11.81 -9.92
N LYS A 290 -24.03 11.43 -9.97
CA LYS A 290 -25.13 12.34 -9.65
C LYS A 290 -24.95 13.03 -8.30
N TYR A 291 -24.44 12.29 -7.32
CA TYR A 291 -24.27 12.83 -5.98
C TYR A 291 -22.84 13.30 -5.71
N ASP A 292 -22.72 14.30 -4.85
CA ASP A 292 -21.42 14.90 -4.55
C ASP A 292 -20.49 13.92 -3.84
N ASN A 293 -19.33 13.70 -4.43
CA ASN A 293 -18.30 12.86 -3.83
C ASN A 293 -18.72 11.40 -3.71
N VAL A 294 -19.52 10.93 -4.66
CA VAL A 294 -19.96 9.55 -4.65
C VAL A 294 -20.16 9.01 -6.06
N ALA A 295 -19.65 7.81 -6.30
CA ALA A 295 -19.83 7.15 -7.58
C ALA A 295 -20.85 6.03 -7.43
N SER A 296 -21.97 6.18 -8.13
CA SER A 296 -23.04 5.18 -8.07
C SER A 296 -22.95 4.24 -9.26
N ILE A 297 -22.93 2.94 -8.98
CA ILE A 297 -22.82 1.94 -10.03
C ILE A 297 -23.98 0.97 -10.07
N ASN A 298 -24.70 1.00 -11.16
CA ASN A 298 -25.79 0.08 -11.34
C ASN A 298 -25.33 -1.27 -11.87
N PHE A 299 -25.16 -2.23 -10.97
CA PHE A 299 -24.84 -3.59 -11.39
C PHE A 299 -26.07 -4.39 -11.85
N GLY A 300 -27.20 -4.15 -11.19
CA GLY A 300 -28.41 -4.89 -11.47
C GLY A 300 -28.33 -6.33 -10.97
N ASP A 301 -28.96 -7.24 -11.70
CA ASP A 301 -28.92 -8.66 -11.38
C ASP A 301 -27.53 -9.19 -11.67
N ILE A 302 -26.82 -9.57 -10.61
CA ILE A 302 -25.49 -10.15 -10.75
C ILE A 302 -25.39 -11.39 -9.89
N ASN A 303 -24.71 -12.40 -10.39
CA ASN A 303 -24.58 -13.67 -9.67
C ASN A 303 -23.12 -14.04 -9.40
N LYS A 304 -22.25 -13.04 -9.35
CA LYS A 304 -20.83 -13.32 -9.15
C LYS A 304 -20.06 -12.19 -8.48
N THR A 305 -18.78 -12.43 -8.20
CA THR A 305 -17.91 -11.43 -7.60
C THR A 305 -17.27 -10.52 -8.65
N TYR A 306 -17.19 -9.23 -8.37
CA TYR A 306 -16.46 -8.31 -9.24
C TYR A 306 -15.38 -7.52 -8.52
N VAL A 307 -14.38 -7.08 -9.27
CA VAL A 307 -13.41 -6.14 -8.72
C VAL A 307 -13.54 -4.79 -9.41
N VAL A 308 -13.70 -3.75 -8.62
CA VAL A 308 -13.56 -2.41 -9.14
C VAL A 308 -12.19 -1.86 -8.73
N LEU A 309 -11.35 -1.57 -9.72
CA LEU A 309 -10.11 -0.81 -9.50
C LEU A 309 -10.35 0.67 -9.65
N VAL A 310 -10.30 1.39 -8.54
CA VAL A 310 -10.47 2.82 -8.52
C VAL A 310 -9.13 3.57 -8.58
N GLU A 311 -8.98 4.50 -9.53
CA GLU A 311 -7.86 5.44 -9.47
C GLU A 311 -8.43 6.80 -9.17
N GLY A 312 -8.11 7.32 -8.00
CA GLY A 312 -8.77 8.51 -7.52
C GLY A 312 -7.83 9.65 -7.19
N HIS A 313 -8.42 10.71 -6.63
CA HIS A 313 -7.71 11.91 -6.24
C HIS A 313 -8.19 12.41 -4.89
N TYR A 314 -7.32 13.10 -4.15
CA TYR A 314 -7.75 13.75 -2.90
C TYR A 314 -7.44 15.24 -2.99
N ASP A 315 -8.03 16.05 -2.12
CA ASP A 315 -7.83 17.49 -2.23
C ASP A 315 -6.65 17.95 -1.36
N ASN A 316 -6.45 19.25 -1.29
CA ASN A 316 -5.28 19.80 -0.62
C ASN A 316 -5.63 20.24 0.79
N THR A 317 -6.86 19.95 1.16
CA THR A 317 -7.31 20.26 2.50
C THR A 317 -6.38 19.68 3.59
N GLY A 318 -5.86 18.46 3.37
CA GLY A 318 -5.03 17.80 4.35
C GLY A 318 -5.79 16.77 5.17
N LYS A 319 -7.11 16.80 5.07
CA LYS A 319 -7.94 15.88 5.82
C LYS A 319 -7.61 14.44 5.50
N ASN A 320 -7.76 13.55 6.48
CA ASN A 320 -7.62 12.16 6.16
C ASN A 320 -8.48 11.83 4.96
N LEU A 321 -7.94 11.01 4.08
CA LEU A 321 -8.74 10.44 3.01
C LEU A 321 -9.65 9.34 3.58
N LYS A 322 -10.93 9.64 3.73
CA LYS A 322 -11.87 8.69 4.27
C LYS A 322 -12.85 8.24 3.19
N THR A 323 -13.05 6.93 3.08
CA THR A 323 -13.94 6.43 2.05
C THR A 323 -14.93 5.40 2.54
N GLN A 324 -16.00 5.25 1.80
CA GLN A 324 -16.98 4.26 2.18
C GLN A 324 -17.68 3.72 0.96
N VAL A 325 -17.65 2.39 0.89
CA VAL A 325 -18.25 1.68 -0.22
C VAL A 325 -19.49 0.99 0.28
N ILE A 326 -20.51 0.94 -0.57
CA ILE A 326 -21.82 0.44 -0.16
C ILE A 326 -22.49 -0.36 -1.26
N GLN A 327 -23.20 -1.42 -0.88
CA GLN A 327 -23.94 -2.19 -1.86
C GLN A 327 -25.31 -2.59 -1.35
N GLU A 328 -26.28 -2.51 -2.24
CA GLU A 328 -27.65 -2.82 -1.89
C GLU A 328 -28.30 -3.67 -2.98
N ASN A 329 -29.30 -4.44 -2.57
CA ASN A 329 -29.95 -5.37 -3.47
C ASN A 329 -31.20 -5.99 -2.84
N ILE A 330 -31.93 -6.74 -3.66
CA ILE A 330 -33.09 -7.47 -3.22
C ILE A 330 -32.99 -8.85 -3.84
N ASP A 331 -33.94 -9.72 -3.52
CA ASP A 331 -34.03 -11.05 -4.14
C ASP A 331 -34.52 -10.90 -5.58
N PRO A 332 -33.71 -11.40 -6.54
CA PRO A 332 -34.06 -11.29 -7.97
C PRO A 332 -35.35 -12.02 -8.34
N ALA A 333 -35.71 -13.03 -7.55
CA ALA A 333 -36.92 -13.79 -7.85
C ALA A 333 -38.13 -13.23 -7.12
N THR A 334 -37.92 -12.73 -5.90
CA THR A 334 -39.04 -12.31 -5.07
C THR A 334 -39.12 -10.79 -4.91
N GLY A 335 -37.96 -10.14 -4.99
CA GLY A 335 -37.90 -8.71 -4.78
C GLY A 335 -38.14 -8.34 -3.32
N LYS A 336 -37.94 -9.30 -2.44
CA LYS A 336 -38.06 -9.06 -1.01
C LYS A 336 -36.67 -9.13 -0.38
N ASP A 337 -36.62 -9.21 0.95
CA ASP A 337 -35.35 -9.45 1.64
C ASP A 337 -34.31 -8.41 1.23
N TYR A 338 -34.72 -7.15 1.14
CA TYR A 338 -33.80 -6.08 0.82
C TYR A 338 -32.65 -6.05 1.81
N SER A 339 -31.44 -5.85 1.29
CA SER A 339 -30.24 -5.84 2.13
C SER A 339 -29.23 -4.77 1.70
N ILE A 340 -28.60 -4.15 2.68
CA ILE A 340 -27.58 -3.14 2.42
C ILE A 340 -26.37 -3.37 3.30
N PHE A 341 -25.17 -3.16 2.75
CA PHE A 341 -23.94 -3.35 3.50
C PHE A 341 -22.90 -2.31 3.10
N GLY A 342 -22.19 -1.77 4.08
CA GLY A 342 -21.18 -0.75 3.84
C GLY A 342 -19.83 -1.11 4.41
N TRP A 343 -18.79 -0.54 3.82
CA TRP A 343 -17.43 -0.76 4.28
C TRP A 343 -16.64 0.55 4.30
N ASN A 344 -15.96 0.81 5.40
CA ASN A 344 -15.22 2.06 5.57
C ASN A 344 -13.73 1.92 5.30
N ASN A 345 -13.13 3.01 4.81
CA ASN A 345 -11.70 3.05 4.55
C ASN A 345 -11.12 4.39 4.96
N GLU A 346 -9.91 4.38 5.52
CA GLU A 346 -9.27 5.60 5.99
C GLU A 346 -7.76 5.55 5.81
N ASN A 347 -7.18 6.68 5.40
CA ASN A 347 -5.74 6.79 5.22
C ASN A 347 -5.27 8.21 5.48
N VAL A 348 -3.99 8.35 5.82
CA VAL A 348 -3.42 9.66 6.07
C VAL A 348 -2.68 10.16 4.85
N VAL A 349 -3.14 11.29 4.31
CA VAL A 349 -2.52 11.86 3.11
C VAL A 349 -1.51 12.94 3.47
N ARG A 350 -1.45 13.29 4.75
CA ARG A 350 -0.73 14.46 5.22
C ARG A 350 0.77 14.53 4.90
N TYR A 351 1.20 15.72 4.52
CA TYR A 351 2.58 16.02 4.16
C TYR A 351 2.93 17.41 4.68
N GLY A 352 4.21 17.78 4.63
CA GLY A 352 4.66 19.04 5.18
C GLY A 352 4.66 20.22 4.22
N GLY A 353 5.84 20.69 3.83
CA GLY A 353 5.93 21.86 2.98
C GLY A 353 6.50 21.69 1.58
N GLY A 354 5.81 22.25 0.59
CA GLY A 354 6.27 22.21 -0.79
C GLY A 354 6.38 23.61 -1.37
N SER A 355 7.27 23.78 -2.33
CA SER A 355 7.48 25.07 -2.97
C SER A 355 8.67 25.04 -3.91
MG MG B . 0.52 14.24 -3.83
MG MG C . -31.12 -8.58 -0.80
MG MG D . -20.78 13.98 -8.07
MG MG E . 29.11 -7.06 6.89
MG MG F . -29.83 -2.10 -10.15
#